data_2HFR
#
_entry.id   2HFR
#
_entity_poly.entity_id   1
_entity_poly.type   'polypeptide(L)'
_entity_poly.pdbx_seq_one_letter_code
;KRFWPLVPVAINTVAAGINLYKAIRRK
;
_entity_poly.pdbx_strand_id   A
#
# COMPACT_ATOMS: atom_id res chain seq x y z
N LYS A 1 -3.76 18.57 -0.95
CA LYS A 1 -4.02 19.58 -2.00
C LYS A 1 -5.51 19.91 -2.08
N ARG A 2 -6.07 20.40 -0.98
CA ARG A 2 -7.48 20.76 -0.93
C ARG A 2 -8.35 19.54 -1.22
N PHE A 3 -9.00 19.02 -0.18
CA PHE A 3 -9.87 17.86 -0.32
C PHE A 3 -9.07 16.64 -0.79
N TRP A 4 -8.82 15.71 0.13
CA TRP A 4 -8.06 14.50 -0.17
C TRP A 4 -8.97 13.28 -0.12
N PRO A 5 -9.46 12.81 -1.30
CA PRO A 5 -10.33 11.64 -1.37
C PRO A 5 -9.67 10.38 -0.84
N LEU A 6 -8.61 9.95 -1.50
CA LEU A 6 -7.88 8.75 -1.10
C LEU A 6 -6.39 8.91 -1.34
N VAL A 7 -5.91 10.15 -1.19
CA VAL A 7 -4.49 10.45 -1.39
C VAL A 7 -3.65 10.02 -0.18
N PRO A 8 -4.08 10.38 1.05
CA PRO A 8 -3.34 10.03 2.26
C PRO A 8 -3.56 8.58 2.68
N VAL A 9 -4.62 7.97 2.18
CA VAL A 9 -4.94 6.59 2.50
C VAL A 9 -4.47 5.62 1.42
N ALA A 10 -3.91 6.16 0.34
CA ALA A 10 -3.43 5.33 -0.76
C ALA A 10 -2.42 4.29 -0.28
N ILE A 11 -1.78 4.57 0.86
CA ILE A 11 -0.79 3.65 1.41
C ILE A 11 -1.44 2.59 2.30
N ASN A 12 -2.76 2.48 2.24
CA ASN A 12 -3.49 1.50 3.02
C ASN A 12 -4.02 0.39 2.11
N THR A 13 -4.29 0.74 0.86
CA THR A 13 -4.79 -0.22 -0.11
C THR A 13 -3.74 -0.53 -1.17
N VAL A 14 -2.83 0.42 -1.40
CA VAL A 14 -1.78 0.24 -2.39
C VAL A 14 -0.56 -0.44 -1.77
N ALA A 15 -0.36 -0.21 -0.47
CA ALA A 15 0.76 -0.80 0.25
C ALA A 15 0.58 -2.30 0.41
N ALA A 16 -0.67 -2.73 0.57
CA ALA A 16 -0.98 -4.14 0.75
C ALA A 16 -0.50 -4.96 -0.45
N GLY A 17 -0.69 -4.42 -1.64
CA GLY A 17 -0.27 -5.11 -2.84
C GLY A 17 1.23 -5.31 -2.90
N ILE A 18 1.98 -4.25 -2.60
CA ILE A 18 3.43 -4.31 -2.62
C ILE A 18 3.96 -5.22 -1.51
N ASN A 19 3.30 -5.18 -0.37
CA ASN A 19 3.70 -5.99 0.77
C ASN A 19 2.85 -7.25 0.87
N LEU A 20 2.54 -7.85 -0.29
CA LEU A 20 1.73 -9.05 -0.33
C LEU A 20 2.61 -10.28 -0.57
N TYR A 21 3.63 -10.12 -1.40
CA TYR A 21 4.55 -11.21 -1.71
C TYR A 21 5.22 -11.74 -0.45
N LYS A 22 5.91 -10.87 0.27
CA LYS A 22 6.60 -11.24 1.50
C LYS A 22 5.61 -11.72 2.55
N ALA A 23 4.40 -11.16 2.52
CA ALA A 23 3.36 -11.52 3.47
C ALA A 23 2.87 -12.95 3.25
N ILE A 24 2.60 -13.27 1.99
CA ILE A 24 2.13 -14.60 1.64
C ILE A 24 3.28 -15.58 1.44
N ARG A 25 4.48 -15.09 1.68
CA ARG A 25 5.69 -15.89 1.54
C ARG A 25 6.45 -16.00 2.85
N ARG A 26 5.86 -15.45 3.89
CA ARG A 26 6.46 -15.46 5.22
C ARG A 26 5.43 -15.09 6.29
N LYS A 27 4.32 -15.84 6.31
CA LYS A 27 3.27 -15.60 7.29
C LYS A 27 3.56 -16.30 8.60
N LYS A 1 6.15 20.90 -4.90
CA LYS A 1 4.67 20.94 -4.76
C LYS A 1 4.15 19.69 -4.06
N ARG A 2 3.02 19.83 -3.37
CA ARG A 2 2.42 18.71 -2.65
C ARG A 2 0.91 18.66 -2.90
N PHE A 3 0.53 18.87 -4.15
CA PHE A 3 -0.89 18.84 -4.52
C PHE A 3 -1.35 17.41 -4.82
N TRP A 4 -1.87 16.74 -3.82
CA TRP A 4 -2.34 15.37 -3.97
C TRP A 4 -3.10 14.90 -2.74
N PRO A 5 -4.42 15.19 -2.69
CA PRO A 5 -5.27 14.79 -1.56
C PRO A 5 -5.62 13.31 -1.58
N LEU A 6 -4.59 12.46 -1.54
CA LEU A 6 -4.79 11.02 -1.55
C LEU A 6 -3.52 10.30 -1.10
N VAL A 7 -2.76 10.94 -0.23
CA VAL A 7 -1.52 10.36 0.29
C VAL A 7 -1.79 9.29 1.35
N PRO A 8 -2.66 9.58 2.34
CA PRO A 8 -2.97 8.61 3.39
C PRO A 8 -3.90 7.50 2.93
N VAL A 9 -4.35 7.56 1.68
CA VAL A 9 -5.25 6.55 1.13
C VAL A 9 -4.47 5.53 0.30
N ALA A 10 -3.44 5.99 -0.40
CA ALA A 10 -2.63 5.12 -1.23
C ALA A 10 -2.15 3.91 -0.45
N ILE A 11 -1.98 4.08 0.86
CA ILE A 11 -1.52 2.99 1.72
C ILE A 11 -2.71 2.20 2.27
N ASN A 12 -3.87 2.34 1.64
CA ASN A 12 -5.06 1.62 2.07
C ASN A 12 -5.39 0.51 1.09
N THR A 13 -5.07 0.74 -0.18
CA THR A 13 -5.32 -0.24 -1.23
C THR A 13 -4.03 -0.72 -1.88
N VAL A 14 -2.97 0.08 -1.77
CA VAL A 14 -1.68 -0.28 -2.35
C VAL A 14 -0.78 -0.95 -1.32
N ALA A 15 -1.05 -0.68 -0.05
CA ALA A 15 -0.27 -1.27 1.03
C ALA A 15 -0.48 -2.77 1.12
N ALA A 16 -1.73 -3.19 0.98
CA ALA A 16 -2.06 -4.61 1.04
C ALA A 16 -1.45 -5.38 -0.12
N GLY A 17 -1.53 -4.79 -1.31
CA GLY A 17 -0.97 -5.43 -2.49
C GLY A 17 0.54 -5.54 -2.44
N ILE A 18 1.20 -4.39 -2.33
CA ILE A 18 2.66 -4.36 -2.27
C ILE A 18 3.19 -5.11 -1.06
N ASN A 19 2.43 -5.05 0.04
CA ASN A 19 2.83 -5.73 1.26
C ASN A 19 2.07 -7.04 1.43
N LEU A 20 2.05 -7.85 0.38
CA LEU A 20 1.37 -9.14 0.42
C LEU A 20 2.33 -10.28 0.11
N TYR A 21 2.82 -10.33 -1.12
CA TYR A 21 3.75 -11.37 -1.53
C TYR A 21 4.89 -11.50 -0.52
N LYS A 22 5.62 -10.41 -0.32
CA LYS A 22 6.73 -10.40 0.62
C LYS A 22 6.26 -10.74 2.03
N ALA A 23 4.97 -10.51 2.29
CA ALA A 23 4.40 -10.79 3.61
C ALA A 23 4.22 -12.28 3.81
N ILE A 24 3.65 -12.94 2.81
CA ILE A 24 3.41 -14.37 2.87
C ILE A 24 4.60 -15.18 2.37
N ARG A 25 5.66 -14.47 2.04
CA ARG A 25 6.88 -15.09 1.53
C ARG A 25 7.99 -15.09 2.57
N ARG A 26 7.64 -14.61 3.76
CA ARG A 26 8.58 -14.55 4.86
C ARG A 26 8.17 -15.49 5.99
N LYS A 27 7.58 -16.62 5.62
CA LYS A 27 7.13 -17.60 6.60
C LYS A 27 8.29 -18.51 7.02
N LYS A 1 -6.43 15.89 -7.36
CA LYS A 1 -7.30 16.16 -6.19
C LYS A 1 -6.51 16.71 -5.01
N ARG A 2 -6.40 18.04 -4.96
CA ARG A 2 -5.66 18.70 -3.89
C ARG A 2 -4.20 18.25 -3.88
N PHE A 3 -3.64 18.03 -5.06
CA PHE A 3 -2.25 17.60 -5.18
C PHE A 3 -2.04 16.25 -4.50
N TRP A 4 -3.12 15.52 -4.28
CA TRP A 4 -3.05 14.22 -3.64
C TRP A 4 -3.72 13.15 -4.50
N PRO A 5 -2.95 12.44 -5.34
CA PRO A 5 -3.49 11.39 -6.21
C PRO A 5 -3.99 10.18 -5.44
N LEU A 6 -3.19 9.73 -4.48
CA LEU A 6 -3.56 8.58 -3.66
C LEU A 6 -2.62 8.45 -2.47
N VAL A 7 -2.16 9.58 -1.95
CA VAL A 7 -1.27 9.59 -0.81
C VAL A 7 -1.89 8.91 0.41
N PRO A 8 -3.14 9.26 0.77
CA PRO A 8 -3.82 8.67 1.93
C PRO A 8 -4.30 7.24 1.67
N VAL A 9 -4.93 7.03 0.52
CA VAL A 9 -5.45 5.72 0.17
C VAL A 9 -4.33 4.77 -0.28
N ALA A 10 -3.13 5.31 -0.49
CA ALA A 10 -2.00 4.50 -0.91
C ALA A 10 -1.75 3.34 0.04
N ILE A 11 -2.00 3.58 1.33
CA ILE A 11 -1.79 2.56 2.34
C ILE A 11 -3.02 1.67 2.51
N ASN A 12 -3.94 1.74 1.55
CA ASN A 12 -5.16 0.94 1.60
C ASN A 12 -5.12 -0.12 0.49
N THR A 13 -4.46 0.20 -0.61
CA THR A 13 -4.36 -0.72 -1.74
C THR A 13 -2.91 -1.16 -1.96
N VAL A 14 -1.96 -0.38 -1.43
CA VAL A 14 -0.55 -0.70 -1.58
C VAL A 14 -0.02 -1.44 -0.36
N ALA A 15 -0.69 -1.26 0.77
CA ALA A 15 -0.29 -1.91 2.01
C ALA A 15 -0.46 -3.42 1.91
N ALA A 16 -1.49 -3.85 1.20
CA ALA A 16 -1.77 -5.27 1.03
C ALA A 16 -0.95 -5.87 -0.11
N GLY A 17 -0.44 -5.00 -0.98
CA GLY A 17 0.35 -5.46 -2.11
C GLY A 17 1.83 -5.48 -1.81
N ILE A 18 2.43 -4.31 -1.65
CA ILE A 18 3.86 -4.20 -1.38
C ILE A 18 4.19 -4.66 0.04
N ASN A 19 3.31 -4.36 0.99
CA ASN A 19 3.53 -4.75 2.38
C ASN A 19 2.64 -5.92 2.76
N LEU A 20 2.88 -7.07 2.13
CA LEU A 20 2.11 -8.28 2.41
C LEU A 20 2.62 -9.46 1.58
N TYR A 21 2.86 -9.21 0.30
CA TYR A 21 3.34 -10.26 -0.60
C TYR A 21 4.62 -10.89 -0.06
N LYS A 22 5.65 -10.05 0.13
CA LYS A 22 6.92 -10.52 0.64
C LYS A 22 6.75 -11.28 1.95
N ALA A 23 5.72 -10.92 2.71
CA ALA A 23 5.45 -11.57 3.98
C ALA A 23 4.97 -13.01 3.77
N ILE A 24 4.00 -13.18 2.89
CA ILE A 24 3.46 -14.49 2.60
C ILE A 24 4.26 -15.21 1.53
N ARG A 25 5.32 -14.58 1.09
CA ARG A 25 6.20 -15.14 0.07
C ARG A 25 7.50 -15.66 0.66
N ARG A 26 7.57 -15.61 1.98
CA ARG A 26 8.75 -16.06 2.70
C ARG A 26 8.37 -16.85 3.94
N LYS A 27 7.48 -17.83 3.77
CA LYS A 27 7.03 -18.65 4.88
C LYS A 27 8.16 -19.51 5.44
N LYS A 1 -10.43 23.04 -7.66
CA LYS A 1 -9.70 22.44 -6.51
C LYS A 1 -9.95 20.94 -6.43
N ARG A 2 -9.01 20.16 -6.95
CA ARG A 2 -9.13 18.70 -6.92
C ARG A 2 -8.86 18.15 -5.53
N PHE A 3 -9.91 17.69 -4.87
CA PHE A 3 -9.79 17.14 -3.52
C PHE A 3 -9.44 15.65 -3.57
N TRP A 4 -8.44 15.27 -2.79
CA TRP A 4 -8.01 13.87 -2.75
C TRP A 4 -8.22 13.27 -1.36
N PRO A 5 -9.42 12.71 -1.10
CA PRO A 5 -9.74 12.12 0.19
C PRO A 5 -9.18 10.71 0.36
N LEU A 6 -8.44 10.24 -0.65
CA LEU A 6 -7.86 8.90 -0.61
C LEU A 6 -6.34 8.98 -0.60
N VAL A 7 -5.80 10.02 0.02
CA VAL A 7 -4.35 10.21 0.09
C VAL A 7 -3.72 9.23 1.09
N PRO A 8 -4.27 9.13 2.32
CA PRO A 8 -3.73 8.24 3.34
C PRO A 8 -4.06 6.78 3.06
N VAL A 9 -5.15 6.55 2.34
CA VAL A 9 -5.56 5.19 1.99
C VAL A 9 -4.75 4.63 0.84
N ALA A 10 -4.12 5.51 0.07
CA ALA A 10 -3.30 5.11 -1.06
C ALA A 10 -2.31 4.02 -0.67
N ILE A 11 -1.93 4.00 0.60
CA ILE A 11 -0.98 3.02 1.11
C ILE A 11 -1.69 1.74 1.54
N ASN A 12 -2.93 1.57 1.12
CA ASN A 12 -3.70 0.37 1.46
C ASN A 12 -3.82 -0.54 0.25
N THR A 13 -3.87 0.08 -0.93
CA THR A 13 -3.97 -0.66 -2.19
C THR A 13 -2.67 -0.59 -2.98
N VAL A 14 -1.93 0.51 -2.79
CA VAL A 14 -0.67 0.71 -3.48
C VAL A 14 0.48 0.10 -2.69
N ALA A 15 0.32 0.04 -1.37
CA ALA A 15 1.33 -0.52 -0.50
C ALA A 15 1.41 -2.03 -0.63
N ALA A 16 0.25 -2.65 -0.84
CA ALA A 16 0.17 -4.10 -0.98
C ALA A 16 0.97 -4.58 -2.18
N GLY A 17 0.98 -3.77 -3.24
CA GLY A 17 1.71 -4.14 -4.44
C GLY A 17 3.16 -4.47 -4.17
N ILE A 18 3.70 -3.96 -3.06
CA ILE A 18 5.08 -4.19 -2.70
C ILE A 18 5.21 -4.82 -1.32
N ASN A 19 4.33 -4.42 -0.40
CA ASN A 19 4.36 -4.95 0.96
C ASN A 19 3.15 -5.84 1.23
N LEU A 20 3.12 -6.99 0.57
CA LEU A 20 2.02 -7.95 0.74
C LEU A 20 2.49 -9.37 0.46
N TYR A 21 3.14 -9.55 -0.69
CA TYR A 21 3.65 -10.86 -1.08
C TYR A 21 4.64 -11.39 -0.04
N LYS A 22 5.63 -10.56 0.30
CA LYS A 22 6.65 -10.94 1.27
C LYS A 22 6.03 -11.11 2.65
N ALA A 23 4.95 -10.38 2.92
CA ALA A 23 4.28 -10.46 4.21
C ALA A 23 3.82 -11.88 4.50
N ILE A 24 3.03 -12.44 3.59
CA ILE A 24 2.53 -13.79 3.76
C ILE A 24 3.52 -14.83 3.24
N ARG A 25 4.67 -14.34 2.81
CA ARG A 25 5.73 -15.19 2.29
C ARG A 25 6.99 -15.11 3.15
N ARG A 26 6.88 -14.39 4.23
CA ARG A 26 7.99 -14.20 5.16
C ARG A 26 7.49 -13.77 6.54
N LYS A 27 6.58 -14.55 7.10
CA LYS A 27 6.03 -14.26 8.41
C LYS A 27 6.14 -15.46 9.34
N LYS A 1 -0.95 21.42 -9.13
CA LYS A 1 0.41 20.96 -8.75
C LYS A 1 0.37 19.58 -8.13
N ARG A 2 -0.71 19.28 -7.40
CA ARG A 2 -0.86 17.98 -6.76
C ARG A 2 -2.14 17.30 -7.20
N PHE A 3 -2.02 16.37 -8.14
CA PHE A 3 -3.18 15.65 -8.65
C PHE A 3 -3.02 14.15 -8.45
N TRP A 4 -3.56 13.63 -7.35
CA TRP A 4 -3.47 12.21 -7.05
C TRP A 4 -4.40 11.85 -5.88
N PRO A 5 -5.71 11.78 -6.15
CA PRO A 5 -6.72 11.45 -5.13
C PRO A 5 -6.59 10.01 -4.64
N LEU A 6 -5.45 9.71 -4.01
CA LEU A 6 -5.20 8.37 -3.49
C LEU A 6 -3.98 8.36 -2.57
N VAL A 7 -3.76 9.46 -1.88
CA VAL A 7 -2.62 9.57 -0.96
C VAL A 7 -2.91 8.89 0.37
N PRO A 8 -4.09 9.16 0.97
CA PRO A 8 -4.48 8.55 2.24
C PRO A 8 -4.80 7.07 2.11
N VAL A 9 -5.27 6.68 0.93
CA VAL A 9 -5.62 5.29 0.67
C VAL A 9 -4.44 4.52 0.07
N ALA A 10 -3.35 5.22 -0.25
CA ALA A 10 -2.18 4.58 -0.83
C ALA A 10 -1.70 3.42 0.03
N ILE A 11 -2.02 3.46 1.32
CA ILE A 11 -1.61 2.40 2.24
C ILE A 11 -2.60 1.24 2.23
N ASN A 12 -3.51 1.24 1.27
CA ASN A 12 -4.49 0.17 1.13
C ASN A 12 -4.15 -0.70 -0.07
N THR A 13 -3.56 -0.08 -1.09
CA THR A 13 -3.19 -0.79 -2.30
C THR A 13 -1.68 -1.01 -2.34
N VAL A 14 -0.93 -0.11 -1.70
CA VAL A 14 0.52 -0.22 -1.66
C VAL A 14 0.97 -1.08 -0.48
N ALA A 15 0.15 -1.11 0.57
CA ALA A 15 0.45 -1.88 1.76
C ALA A 15 0.14 -3.36 1.54
N ALA A 16 -0.87 -3.64 0.73
CA ALA A 16 -1.27 -5.01 0.45
C ALA A 16 -0.38 -5.64 -0.63
N GLY A 17 0.45 -4.82 -1.26
CA GLY A 17 1.32 -5.33 -2.31
C GLY A 17 2.78 -5.42 -1.87
N ILE A 18 3.44 -4.27 -1.82
CA ILE A 18 4.85 -4.22 -1.42
C ILE A 18 5.02 -4.55 0.06
N ASN A 19 4.01 -4.26 0.86
CA ASN A 19 4.06 -4.52 2.30
C ASN A 19 3.09 -5.63 2.69
N LEU A 20 3.15 -6.74 1.97
CA LEU A 20 2.28 -7.88 2.25
C LEU A 20 2.70 -9.11 1.46
N TYR A 21 2.68 -9.01 0.13
CA TYR A 21 3.05 -10.11 -0.73
C TYR A 21 4.43 -10.65 -0.36
N LYS A 22 5.43 -9.77 -0.36
CA LYS A 22 6.79 -10.15 -0.02
C LYS A 22 6.92 -10.50 1.46
N ALA A 23 6.00 -9.98 2.28
CA ALA A 23 6.02 -10.23 3.71
C ALA A 23 5.47 -11.63 4.03
N ILE A 24 4.35 -11.97 3.40
CA ILE A 24 3.72 -13.26 3.61
C ILE A 24 4.30 -14.34 2.70
N ARG A 25 5.31 -13.96 1.93
CA ARG A 25 5.96 -14.88 1.02
C ARG A 25 7.44 -15.01 1.32
N ARG A 26 7.86 -14.39 2.40
CA ARG A 26 9.25 -14.43 2.82
C ARG A 26 9.36 -14.90 4.27
N LYS A 27 8.59 -15.93 4.62
CA LYS A 27 8.60 -16.48 5.97
C LYS A 27 9.94 -17.12 6.28
N LYS A 1 5.98 16.29 4.15
CA LYS A 1 4.54 16.63 4.33
C LYS A 1 3.97 17.24 3.06
N ARG A 2 4.78 18.00 2.35
CA ARG A 2 4.35 18.65 1.12
C ARG A 2 4.78 17.84 -0.10
N PHE A 3 4.39 16.57 -0.12
CA PHE A 3 4.74 15.68 -1.23
C PHE A 3 3.90 14.41 -1.20
N TRP A 4 3.49 13.94 -2.37
CA TRP A 4 2.69 12.73 -2.48
C TRP A 4 1.47 12.80 -1.56
N PRO A 5 0.51 13.69 -1.87
CA PRO A 5 -0.71 13.87 -1.07
C PRO A 5 -1.69 12.70 -1.25
N LEU A 6 -1.24 11.50 -0.89
CA LEU A 6 -2.08 10.32 -1.01
C LEU A 6 -1.55 9.19 -0.11
N VAL A 7 -0.99 9.57 1.03
CA VAL A 7 -0.45 8.59 1.97
C VAL A 7 -1.54 7.69 2.54
N PRO A 8 -2.61 8.26 3.13
CA PRO A 8 -3.70 7.48 3.71
C PRO A 8 -4.32 6.49 2.72
N VAL A 9 -4.15 6.76 1.43
CA VAL A 9 -4.70 5.90 0.40
C VAL A 9 -3.67 4.88 -0.08
N ALA A 10 -2.39 5.27 -0.03
CA ALA A 10 -1.31 4.38 -0.46
C ALA A 10 -1.43 3.02 0.19
N ILE A 11 -1.89 2.99 1.44
CA ILE A 11 -2.05 1.74 2.15
C ILE A 11 -3.45 1.16 1.97
N ASN A 12 -4.13 1.59 0.92
CA ASN A 12 -5.47 1.10 0.63
C ASN A 12 -5.45 0.18 -0.58
N THR A 13 -4.62 0.50 -1.56
CA THR A 13 -4.50 -0.29 -2.78
C THR A 13 -3.09 -0.83 -2.97
N VAL A 14 -2.13 -0.29 -2.21
CA VAL A 14 -0.75 -0.73 -2.32
C VAL A 14 -0.35 -1.62 -1.14
N ALA A 15 -1.16 -1.58 -0.09
CA ALA A 15 -0.91 -2.38 1.10
C ALA A 15 -1.27 -3.84 0.88
N ALA A 16 -2.27 -4.09 0.04
CA ALA A 16 -2.71 -5.43 -0.26
C ALA A 16 -1.87 -6.08 -1.35
N GLY A 17 -1.26 -5.26 -2.20
CA GLY A 17 -0.45 -5.77 -3.28
C GLY A 17 1.04 -5.72 -2.97
N ILE A 18 1.61 -4.52 -3.03
CA ILE A 18 3.03 -4.34 -2.76
C ILE A 18 3.38 -4.73 -1.33
N ASN A 19 2.47 -4.47 -0.40
CA ASN A 19 2.70 -4.80 1.00
C ASN A 19 1.95 -6.06 1.42
N LEU A 20 2.12 -7.13 0.65
CA LEU A 20 1.46 -8.39 0.94
C LEU A 20 2.35 -9.57 0.54
N TYR A 21 2.50 -9.79 -0.76
CA TYR A 21 3.32 -10.88 -1.26
C TYR A 21 4.75 -10.74 -0.74
N LYS A 22 5.28 -9.53 -0.79
CA LYS A 22 6.63 -9.26 -0.32
C LYS A 22 6.69 -9.20 1.19
N ALA A 23 5.54 -8.96 1.83
CA ALA A 23 5.48 -8.87 3.28
C ALA A 23 5.57 -10.25 3.93
N ILE A 24 4.75 -11.17 3.46
CA ILE A 24 4.72 -12.52 3.99
C ILE A 24 5.76 -13.42 3.31
N ARG A 25 6.53 -12.82 2.44
CA ARG A 25 7.57 -13.54 1.71
C ARG A 25 8.93 -12.88 1.88
N ARG A 26 8.97 -11.88 2.72
CA ARG A 26 10.20 -11.14 2.99
C ARG A 26 10.11 -10.41 4.32
N LYS A 27 9.46 -11.03 5.29
CA LYS A 27 9.31 -10.43 6.61
C LYS A 27 10.57 -10.63 7.45
N LYS A 1 -11.10 14.64 -8.96
CA LYS A 1 -11.15 15.53 -7.78
C LYS A 1 -9.85 16.33 -7.64
N ARG A 2 -9.91 17.40 -6.86
CA ARG A 2 -8.73 18.25 -6.64
C ARG A 2 -7.92 17.77 -5.45
N PHE A 3 -6.73 18.32 -5.28
CA PHE A 3 -5.85 17.94 -4.18
C PHE A 3 -5.50 16.46 -4.25
N TRP A 4 -4.95 15.94 -3.17
CA TRP A 4 -4.55 14.53 -3.10
C TRP A 4 -5.45 13.76 -2.14
N PRO A 5 -6.63 13.32 -2.60
CA PRO A 5 -7.57 12.56 -1.78
C PRO A 5 -7.23 11.08 -1.68
N LEU A 6 -6.08 10.70 -2.25
CA LEU A 6 -5.65 9.31 -2.22
C LEU A 6 -4.46 9.13 -1.28
N VAL A 7 -4.44 9.90 -0.19
CA VAL A 7 -3.36 9.81 0.78
C VAL A 7 -3.51 8.58 1.68
N PRO A 8 -4.71 8.36 2.24
CA PRO A 8 -4.97 7.21 3.11
C PRO A 8 -5.25 5.93 2.33
N VAL A 9 -5.74 6.08 1.11
CA VAL A 9 -6.05 4.93 0.27
C VAL A 9 -4.81 4.41 -0.42
N ALA A 10 -3.91 5.30 -0.80
CA ALA A 10 -2.67 4.93 -1.47
C ALA A 10 -1.93 3.86 -0.68
N ILE A 11 -2.00 3.96 0.65
CA ILE A 11 -1.33 2.98 1.50
C ILE A 11 -2.20 1.74 1.72
N ASN A 12 -3.28 1.63 0.94
CA ASN A 12 -4.16 0.48 1.03
C ASN A 12 -3.99 -0.42 -0.19
N THR A 13 -3.66 0.21 -1.32
CA THR A 13 -3.46 -0.51 -2.57
C THR A 13 -1.97 -0.54 -2.93
N VAL A 14 -1.22 0.46 -2.46
CA VAL A 14 0.21 0.54 -2.73
C VAL A 14 1.01 -0.16 -1.63
N ALA A 15 0.31 -0.62 -0.59
CA ALA A 15 0.94 -1.29 0.52
C ALA A 15 0.67 -2.79 0.49
N ALA A 16 -0.55 -3.15 0.11
CA ALA A 16 -0.96 -4.55 0.04
C ALA A 16 -0.08 -5.34 -0.92
N GLY A 17 0.52 -4.64 -1.88
CA GLY A 17 1.38 -5.30 -2.84
C GLY A 17 2.86 -5.14 -2.52
N ILE A 18 3.28 -3.89 -2.33
CA ILE A 18 4.66 -3.59 -2.02
C ILE A 18 5.05 -4.09 -0.63
N ASN A 19 4.09 -4.04 0.29
CA ASN A 19 4.34 -4.48 1.66
C ASN A 19 3.38 -5.59 2.06
N LEU A 20 3.59 -6.78 1.51
CA LEU A 20 2.74 -7.93 1.81
C LEU A 20 3.19 -9.16 1.03
N TYR A 21 3.47 -8.97 -0.25
CA TYR A 21 3.91 -10.06 -1.11
C TYR A 21 5.18 -10.71 -0.56
N LYS A 22 6.25 -9.92 -0.48
CA LYS A 22 7.53 -10.41 0.02
C LYS A 22 7.49 -10.58 1.54
N ALA A 23 6.55 -9.91 2.19
CA ALA A 23 6.43 -9.98 3.64
C ALA A 23 5.70 -11.25 4.07
N ILE A 24 4.58 -11.54 3.41
CA ILE A 24 3.79 -12.72 3.72
C ILE A 24 4.27 -13.94 2.95
N ARG A 25 5.35 -13.76 2.22
CA ARG A 25 5.93 -14.83 1.43
C ARG A 25 7.42 -15.01 1.72
N ARG A 26 7.89 -14.27 2.69
CA ARG A 26 9.30 -14.31 3.08
C ARG A 26 9.51 -13.63 4.43
N LYS A 27 8.75 -14.06 5.43
CA LYS A 27 8.85 -13.50 6.77
C LYS A 27 9.97 -14.17 7.56
N LYS A 1 -14.34 19.50 0.89
CA LYS A 1 -14.79 18.33 1.70
C LYS A 1 -13.62 17.39 1.99
N ARG A 2 -12.71 17.27 1.04
CA ARG A 2 -11.55 16.40 1.20
C ARG A 2 -10.26 17.16 0.91
N PHE A 3 -9.24 16.93 1.74
CA PHE A 3 -7.96 17.60 1.59
C PHE A 3 -6.94 16.65 0.95
N TRP A 4 -6.76 15.48 1.55
CA TRP A 4 -5.81 14.50 1.04
C TRP A 4 -6.38 13.79 -0.19
N PRO A 5 -5.71 13.92 -1.35
CA PRO A 5 -6.17 13.30 -2.60
C PRO A 5 -5.92 11.79 -2.64
N LEU A 6 -4.75 11.38 -2.18
CA LEU A 6 -4.39 9.96 -2.17
C LEU A 6 -3.26 9.68 -1.19
N VAL A 7 -3.31 10.33 -0.03
CA VAL A 7 -2.29 10.15 1.00
C VAL A 7 -2.61 8.95 1.90
N PRO A 8 -3.85 8.86 2.41
CA PRO A 8 -4.27 7.78 3.28
C PRO A 8 -4.82 6.58 2.51
N VAL A 9 -4.58 6.53 1.21
CA VAL A 9 -5.06 5.44 0.38
C VAL A 9 -3.91 4.59 -0.15
N ALA A 10 -2.72 5.19 -0.27
CA ALA A 10 -1.55 4.48 -0.76
C ALA A 10 -1.35 3.15 -0.03
N ILE A 11 -1.65 3.16 1.27
CA ILE A 11 -1.49 1.96 2.08
C ILE A 11 -2.72 1.05 1.98
N ASN A 12 -3.59 1.33 1.02
CA ASN A 12 -4.80 0.54 0.82
C ASN A 12 -4.65 -0.33 -0.43
N THR A 13 -3.90 0.19 -1.40
CA THR A 13 -3.66 -0.53 -2.65
C THR A 13 -2.21 -0.99 -2.74
N VAL A 14 -1.32 -0.25 -2.08
CA VAL A 14 0.10 -0.59 -2.09
C VAL A 14 0.43 -1.54 -0.94
N ALA A 15 -0.37 -1.47 0.12
CA ALA A 15 -0.18 -2.32 1.29
C ALA A 15 -0.73 -3.72 1.07
N ALA A 16 -1.49 -3.91 0.00
CA ALA A 16 -2.08 -5.20 -0.32
C ALA A 16 -1.14 -6.05 -1.16
N GLY A 17 -0.34 -5.39 -2.00
CA GLY A 17 0.58 -6.11 -2.87
C GLY A 17 2.03 -5.81 -2.54
N ILE A 18 2.46 -4.59 -2.81
CA ILE A 18 3.84 -4.18 -2.55
C ILE A 18 4.22 -4.39 -1.09
N ASN A 19 3.22 -4.30 -0.20
CA ASN A 19 3.46 -4.47 1.23
C ASN A 19 2.59 -5.60 1.79
N LEU A 20 2.79 -6.81 1.28
CA LEU A 20 2.04 -7.97 1.74
C LEU A 20 2.53 -9.25 1.06
N TYR A 21 2.49 -9.26 -0.26
CA TYR A 21 2.93 -10.42 -1.03
C TYR A 21 4.32 -10.87 -0.58
N LYS A 22 5.31 -10.00 -0.78
CA LYS A 22 6.68 -10.30 -0.39
C LYS A 22 6.82 -10.38 1.13
N ALA A 23 5.88 -9.76 1.85
CA ALA A 23 5.92 -9.76 3.30
C ALA A 23 5.48 -11.11 3.86
N ILE A 24 4.51 -11.73 3.20
CA ILE A 24 3.99 -13.02 3.63
C ILE A 24 4.59 -14.17 2.83
N ARG A 25 5.50 -13.84 1.95
CA ARG A 25 6.16 -14.82 1.11
C ARG A 25 7.52 -15.22 1.66
N ARG A 26 7.83 -14.68 2.82
CA ARG A 26 9.09 -14.96 3.50
C ARG A 26 8.87 -15.77 4.77
N LYS A 27 7.86 -16.64 4.75
CA LYS A 27 7.54 -17.46 5.91
C LYS A 27 8.46 -18.67 5.98
N LYS A 1 -2.64 19.95 5.46
CA LYS A 1 -3.63 20.38 4.43
C LYS A 1 -3.33 19.72 3.08
N ARG A 2 -4.02 18.62 2.81
CA ARG A 2 -3.84 17.89 1.56
C ARG A 2 -5.18 17.69 0.86
N PHE A 3 -5.42 18.49 -0.19
CA PHE A 3 -6.66 18.40 -0.96
C PHE A 3 -6.61 17.23 -1.93
N TRP A 4 -6.99 16.05 -1.45
CA TRP A 4 -7.00 14.85 -2.30
C TRP A 4 -7.73 13.71 -1.58
N PRO A 5 -8.64 13.02 -2.29
CA PRO A 5 -9.41 11.91 -1.74
C PRO A 5 -8.73 10.56 -1.94
N LEU A 6 -7.40 10.57 -1.95
CA LEU A 6 -6.64 9.33 -2.14
C LEU A 6 -5.24 9.45 -1.54
N VAL A 7 -5.12 10.24 -0.48
CA VAL A 7 -3.83 10.43 0.17
C VAL A 7 -3.52 9.29 1.14
N PRO A 8 -4.48 8.93 2.01
CA PRO A 8 -4.29 7.84 2.98
C PRO A 8 -4.59 6.47 2.38
N VAL A 9 -5.46 6.45 1.36
CA VAL A 9 -5.83 5.21 0.70
C VAL A 9 -4.66 4.61 -0.08
N ALA A 10 -3.77 5.48 -0.56
CA ALA A 10 -2.62 5.03 -1.32
C ALA A 10 -1.86 3.93 -0.59
N ILE A 11 -1.68 4.12 0.72
CA ILE A 11 -0.97 3.13 1.53
C ILE A 11 -1.90 2.00 1.98
N ASN A 12 -3.11 1.97 1.43
CA ASN A 12 -4.07 0.94 1.75
C ASN A 12 -4.23 -0.05 0.60
N THR A 13 -4.02 0.46 -0.61
CA THR A 13 -4.12 -0.36 -1.82
C THR A 13 -2.76 -0.52 -2.49
N VAL A 14 -1.85 0.42 -2.23
CA VAL A 14 -0.52 0.38 -2.82
C VAL A 14 0.49 -0.25 -1.85
N ALA A 15 0.19 -0.16 -0.56
CA ALA A 15 1.05 -0.72 0.47
C ALA A 15 1.08 -2.24 0.39
N ALA A 16 -0.04 -2.83 0.00
CA ALA A 16 -0.15 -4.28 -0.11
C ALA A 16 0.54 -4.79 -1.37
N GLY A 17 0.41 -4.05 -2.45
CA GLY A 17 1.03 -4.44 -3.70
C GLY A 17 2.53 -4.62 -3.59
N ILE A 18 3.14 -3.91 -2.64
CA ILE A 18 4.57 -3.99 -2.42
C ILE A 18 4.90 -4.61 -1.07
N ASN A 19 4.02 -4.42 -0.09
CA ASN A 19 4.22 -4.96 1.25
C ASN A 19 3.10 -5.91 1.64
N LEU A 20 3.10 -7.09 1.03
CA LEU A 20 2.09 -8.11 1.30
C LEU A 20 2.56 -9.48 0.84
N TYR A 21 3.05 -9.54 -0.40
CA TYR A 21 3.53 -10.79 -0.98
C TYR A 21 4.61 -11.41 -0.10
N LYS A 22 5.65 -10.63 0.19
CA LYS A 22 6.75 -11.10 1.01
C LYS A 22 6.28 -11.45 2.41
N ALA A 23 5.23 -10.76 2.87
CA ALA A 23 4.68 -11.01 4.20
C ALA A 23 3.95 -12.34 4.25
N ILE A 24 3.12 -12.59 3.25
CA ILE A 24 2.36 -13.82 3.17
C ILE A 24 3.15 -14.94 2.51
N ARG A 25 4.39 -14.65 2.21
CA ARG A 25 5.29 -15.60 1.58
C ARG A 25 6.47 -15.94 2.48
N ARG A 26 6.44 -15.40 3.68
CA ARG A 26 7.50 -15.63 4.66
C ARG A 26 7.02 -15.26 6.06
N LYS A 27 5.90 -15.82 6.47
CA LYS A 27 5.35 -15.56 7.79
C LYS A 27 5.82 -16.60 8.80
N LYS A 1 5.46 18.82 0.98
CA LYS A 1 4.07 19.06 0.52
C LYS A 1 3.45 17.79 -0.04
N ARG A 2 2.15 17.60 0.22
CA ARG A 2 1.44 16.43 -0.26
C ARG A 2 0.48 16.78 -1.39
N PHE A 3 0.94 16.61 -2.63
CA PHE A 3 0.13 16.91 -3.80
C PHE A 3 -0.66 15.69 -4.25
N TRP A 4 -0.13 14.49 -3.95
CA TRP A 4 -0.79 13.24 -4.33
C TRP A 4 -2.21 13.19 -3.77
N PRO A 5 -3.23 13.17 -4.65
CA PRO A 5 -4.64 13.12 -4.23
C PRO A 5 -5.11 11.70 -3.95
N LEU A 6 -4.29 10.91 -3.26
CA LEU A 6 -4.63 9.55 -2.93
C LEU A 6 -3.68 8.98 -1.87
N VAL A 7 -3.22 9.85 -0.99
CA VAL A 7 -2.30 9.46 0.07
C VAL A 7 -2.97 8.53 1.09
N PRO A 8 -4.14 8.91 1.65
CA PRO A 8 -4.85 8.08 2.62
C PRO A 8 -5.29 6.74 2.05
N VAL A 9 -5.27 6.63 0.73
CA VAL A 9 -5.67 5.39 0.06
C VAL A 9 -4.45 4.65 -0.49
N ALA A 10 -3.41 5.40 -0.84
CA ALA A 10 -2.20 4.82 -1.39
C ALA A 10 -1.68 3.68 -0.51
N ILE A 11 -1.82 3.84 0.80
CA ILE A 11 -1.39 2.83 1.74
C ILE A 11 -2.44 1.74 1.94
N ASN A 12 -3.44 1.72 1.07
CA ASN A 12 -4.50 0.73 1.15
C ASN A 12 -4.36 -0.28 0.01
N THR A 13 -3.85 0.20 -1.13
CA THR A 13 -3.65 -0.64 -2.30
C THR A 13 -2.16 -0.88 -2.54
N VAL A 14 -1.33 0.06 -2.07
CA VAL A 14 0.12 -0.06 -2.24
C VAL A 14 0.75 -0.72 -1.03
N ALA A 15 0.12 -0.55 0.13
CA ALA A 15 0.63 -1.12 1.37
C ALA A 15 0.33 -2.61 1.44
N ALA A 16 -0.85 -2.99 0.97
CA ALA A 16 -1.27 -4.39 0.98
C ALA A 16 -0.55 -5.18 -0.11
N GLY A 17 -0.03 -4.49 -1.11
CA GLY A 17 0.67 -5.15 -2.20
C GLY A 17 2.16 -5.27 -1.94
N ILE A 18 2.83 -4.12 -1.82
CA ILE A 18 4.27 -4.10 -1.58
C ILE A 18 4.61 -4.64 -0.20
N ASN A 19 3.76 -4.34 0.78
CA ASN A 19 3.97 -4.79 2.14
C ASN A 19 3.04 -5.94 2.50
N LEU A 20 3.22 -7.07 1.82
CA LEU A 20 2.40 -8.26 2.07
C LEU A 20 2.91 -9.45 1.26
N TYR A 21 3.31 -9.19 0.02
CA TYR A 21 3.82 -10.26 -0.85
C TYR A 21 4.98 -10.99 -0.17
N LYS A 22 6.11 -10.31 -0.04
CA LYS A 22 7.29 -10.89 0.57
C LYS A 22 6.98 -11.39 1.99
N ALA A 23 5.93 -10.82 2.59
CA ALA A 23 5.54 -11.22 3.94
C ALA A 23 5.06 -12.66 3.98
N ILE A 24 3.98 -12.93 3.25
CA ILE A 24 3.40 -14.27 3.20
C ILE A 24 4.08 -15.13 2.15
N ARG A 25 5.10 -14.58 1.52
CA ARG A 25 5.85 -15.28 0.49
C ARG A 25 7.23 -15.69 0.98
N ARG A 26 7.47 -15.45 2.24
CA ARG A 26 8.74 -15.78 2.87
C ARG A 26 8.59 -15.96 4.37
N LYS A 27 7.54 -16.69 4.77
CA LYS A 27 7.29 -16.94 6.18
C LYS A 27 7.87 -18.27 6.62
N LYS A 1 3.71 18.02 1.62
CA LYS A 1 3.33 19.46 1.68
C LYS A 1 2.95 19.99 0.29
N ARG A 2 2.57 19.08 -0.60
CA ARG A 2 2.17 19.46 -1.95
C ARG A 2 1.81 18.23 -2.78
N PHE A 3 0.69 18.32 -3.49
CA PHE A 3 0.23 17.21 -4.32
C PHE A 3 -0.09 15.98 -3.48
N TRP A 4 -1.30 15.91 -2.97
CA TRP A 4 -1.72 14.78 -2.13
C TRP A 4 -2.93 14.08 -2.76
N PRO A 5 -2.78 13.55 -3.98
CA PRO A 5 -3.85 12.86 -4.69
C PRO A 5 -4.38 11.64 -3.94
N LEU A 6 -3.62 10.54 -4.01
CA LEU A 6 -4.01 9.31 -3.33
C LEU A 6 -2.92 8.82 -2.39
N VAL A 7 -2.40 9.75 -1.60
CA VAL A 7 -1.34 9.42 -0.64
C VAL A 7 -1.92 8.85 0.66
N PRO A 8 -2.98 9.47 1.21
CA PRO A 8 -3.60 9.01 2.45
C PRO A 8 -4.19 7.60 2.33
N VAL A 9 -4.80 7.31 1.19
CA VAL A 9 -5.41 6.00 0.96
C VAL A 9 -4.43 5.04 0.27
N ALA A 10 -3.26 5.54 -0.11
CA ALA A 10 -2.27 4.71 -0.78
C ALA A 10 -1.86 3.53 0.09
N ILE A 11 -2.11 3.63 1.39
CA ILE A 11 -1.77 2.56 2.33
C ILE A 11 -2.92 1.57 2.49
N ASN A 12 -3.90 1.65 1.60
CA ASN A 12 -5.05 0.75 1.63
C ASN A 12 -4.99 -0.24 0.48
N THR A 13 -4.38 0.17 -0.63
CA THR A 13 -4.26 -0.68 -1.80
C THR A 13 -2.82 -1.19 -1.94
N VAL A 14 -1.87 -0.44 -1.40
CA VAL A 14 -0.47 -0.81 -1.47
C VAL A 14 -0.13 -1.82 -0.38
N ALA A 15 -0.68 -1.59 0.81
CA ALA A 15 -0.46 -2.47 1.95
C ALA A 15 -0.98 -3.88 1.67
N ALA A 16 -2.02 -3.96 0.85
CA ALA A 16 -2.62 -5.25 0.52
C ALA A 16 -1.86 -5.95 -0.61
N GLY A 17 -1.21 -5.15 -1.45
CA GLY A 17 -0.45 -5.70 -2.56
C GLY A 17 1.05 -5.67 -2.32
N ILE A 18 1.62 -4.48 -2.34
CA ILE A 18 3.06 -4.31 -2.11
C ILE A 18 3.48 -4.88 -0.76
N ASN A 19 2.67 -4.60 0.25
CA ASN A 19 2.96 -5.08 1.60
C ASN A 19 2.23 -6.38 1.89
N LEU A 20 2.55 -7.40 1.11
CA LEU A 20 1.92 -8.72 1.28
C LEU A 20 2.70 -9.79 0.51
N TYR A 21 3.06 -9.49 -0.73
CA TYR A 21 3.81 -10.42 -1.56
C TYR A 21 5.13 -10.79 -0.89
N LYS A 22 5.94 -9.78 -0.62
CA LYS A 22 7.25 -9.99 0.01
C LYS A 22 7.09 -10.54 1.42
N ALA A 23 5.97 -10.21 2.06
CA ALA A 23 5.70 -10.67 3.42
C ALA A 23 5.47 -12.18 3.43
N ILE A 24 4.62 -12.65 2.54
CA ILE A 24 4.30 -14.06 2.45
C ILE A 24 5.28 -14.81 1.56
N ARG A 25 6.28 -14.09 1.09
CA ARG A 25 7.32 -14.65 0.23
C ARG A 25 8.70 -14.48 0.83
N ARG A 26 8.74 -13.96 2.04
CA ARG A 26 9.99 -13.72 2.75
C ARG A 26 9.81 -13.94 4.25
N LYS A 27 8.99 -14.92 4.61
CA LYS A 27 8.73 -15.22 6.01
C LYS A 27 9.93 -15.92 6.64
N LYS A 1 1.29 23.33 -8.80
CA LYS A 1 2.23 22.75 -9.80
C LYS A 1 2.64 21.33 -9.42
N ARG A 2 3.17 21.18 -8.21
CA ARG A 2 3.60 19.88 -7.71
C ARG A 2 2.75 19.43 -6.53
N PHE A 3 2.08 18.30 -6.68
CA PHE A 3 1.23 17.77 -5.63
C PHE A 3 0.88 16.30 -5.90
N TRP A 4 0.50 15.58 -4.84
CA TRP A 4 0.14 14.17 -4.97
C TRP A 4 -1.18 13.88 -4.27
N PRO A 5 -2.31 14.07 -4.97
CA PRO A 5 -3.65 13.84 -4.42
C PRO A 5 -4.03 12.36 -4.44
N LEU A 6 -3.17 11.52 -3.87
CA LEU A 6 -3.42 10.09 -3.82
C LEU A 6 -2.39 9.37 -2.95
N VAL A 7 -1.92 10.06 -1.92
CA VAL A 7 -0.94 9.49 -1.01
C VAL A 7 -1.60 8.66 0.10
N PRO A 8 -2.66 9.18 0.73
CA PRO A 8 -3.38 8.48 1.80
C PRO A 8 -4.11 7.24 1.29
N VAL A 9 -4.46 7.26 0.01
CA VAL A 9 -5.18 6.13 -0.59
C VAL A 9 -4.22 5.00 -0.96
N ALA A 10 -3.11 5.36 -1.58
CA ALA A 10 -2.12 4.37 -2.00
C ALA A 10 -1.79 3.40 -0.87
N ILE A 11 -1.54 3.95 0.32
CA ILE A 11 -1.22 3.14 1.48
C ILE A 11 -2.48 2.59 2.16
N ASN A 12 -3.61 2.73 1.48
CA ASN A 12 -4.88 2.23 2.01
C ASN A 12 -5.27 0.93 1.32
N THR A 13 -4.88 0.81 0.05
CA THR A 13 -5.19 -0.38 -0.73
C THR A 13 -3.91 -1.11 -1.15
N VAL A 14 -2.81 -0.36 -1.25
CA VAL A 14 -1.54 -0.95 -1.64
C VAL A 14 -0.78 -1.49 -0.44
N ALA A 15 -1.12 -1.00 0.75
CA ALA A 15 -0.48 -1.44 1.97
C ALA A 15 -0.70 -2.94 2.20
N ALA A 16 -1.93 -3.39 1.96
CA ALA A 16 -2.27 -4.79 2.13
C ALA A 16 -1.52 -5.67 1.14
N GLY A 17 -1.28 -5.13 -0.05
CA GLY A 17 -0.57 -5.88 -1.07
C GLY A 17 0.92 -5.96 -0.81
N ILE A 18 1.53 -4.82 -0.54
CA ILE A 18 2.96 -4.75 -0.27
C ILE A 18 3.31 -5.52 1.00
N ASN A 19 2.47 -5.40 2.02
CA ASN A 19 2.69 -6.08 3.28
C ASN A 19 2.03 -7.45 3.30
N LEU A 20 2.43 -8.31 2.36
CA LEU A 20 1.88 -9.65 2.26
C LEU A 20 2.61 -10.46 1.20
N TYR A 21 2.87 -9.84 0.06
CA TYR A 21 3.57 -10.50 -1.04
C TYR A 21 4.93 -11.01 -0.60
N LYS A 22 5.75 -10.09 -0.07
CA LYS A 22 7.08 -10.45 0.38
C LYS A 22 7.02 -11.49 1.49
N ALA A 23 5.96 -11.45 2.29
CA ALA A 23 5.77 -12.40 3.38
C ALA A 23 5.43 -13.78 2.85
N ILE A 24 4.53 -13.83 1.89
CA ILE A 24 4.12 -15.09 1.29
C ILE A 24 5.04 -15.50 0.14
N ARG A 25 6.07 -14.71 -0.06
CA ARG A 25 7.03 -14.96 -1.12
C ARG A 25 8.47 -14.93 -0.58
N ARG A 26 8.58 -14.79 0.72
CA ARG A 26 9.87 -14.74 1.39
C ARG A 26 9.74 -15.15 2.85
N LYS A 27 8.88 -16.13 3.11
CA LYS A 27 8.66 -16.62 4.46
C LYS A 27 9.96 -17.18 5.06
N LYS A 1 -0.37 22.71 -8.14
CA LYS A 1 -1.81 22.60 -8.47
C LYS A 1 -2.10 21.33 -9.27
N ARG A 2 -2.46 20.26 -8.56
CA ARG A 2 -2.76 18.99 -9.20
C ARG A 2 -3.96 18.32 -8.55
N PHE A 3 -4.50 17.31 -9.21
CA PHE A 3 -5.65 16.58 -8.69
C PHE A 3 -5.37 15.07 -8.65
N TRP A 4 -5.29 14.52 -7.44
CA TRP A 4 -5.03 13.11 -7.26
C TRP A 4 -5.72 12.58 -6.00
N PRO A 5 -7.05 12.43 -6.05
CA PRO A 5 -7.84 11.94 -4.90
C PRO A 5 -7.54 10.48 -4.59
N LEU A 6 -6.30 10.20 -4.21
CA LEU A 6 -5.89 8.84 -3.87
C LEU A 6 -4.54 8.85 -3.14
N VAL A 7 -4.28 9.92 -2.40
CA VAL A 7 -3.04 10.05 -1.66
C VAL A 7 -3.07 9.28 -0.33
N PRO A 8 -4.16 9.42 0.46
CA PRO A 8 -4.28 8.72 1.74
C PRO A 8 -4.65 7.25 1.57
N VAL A 9 -5.20 6.90 0.41
CA VAL A 9 -5.60 5.53 0.13
C VAL A 9 -4.42 4.70 -0.38
N ALA A 10 -3.46 5.38 -1.01
CA ALA A 10 -2.29 4.70 -1.55
C ALA A 10 -1.60 3.85 -0.49
N ILE A 11 -1.79 4.21 0.78
CA ILE A 11 -1.18 3.48 1.88
C ILE A 11 -2.06 2.29 2.30
N ASN A 12 -3.13 2.05 1.55
CA ASN A 12 -4.02 0.95 1.84
C ASN A 12 -3.87 -0.16 0.80
N THR A 13 -3.45 0.24 -0.40
CA THR A 13 -3.24 -0.71 -1.49
C THR A 13 -1.77 -1.05 -1.64
N VAL A 14 -0.90 -0.11 -1.27
CA VAL A 14 0.54 -0.32 -1.36
C VAL A 14 1.00 -1.30 -0.30
N ALA A 15 0.53 -1.09 0.92
CA ALA A 15 0.87 -1.94 2.04
C ALA A 15 0.40 -3.37 1.82
N ALA A 16 -0.73 -3.52 1.13
CA ALA A 16 -1.29 -4.83 0.84
C ALA A 16 -0.39 -5.63 -0.10
N GLY A 17 0.49 -4.94 -0.81
CA GLY A 17 1.38 -5.61 -1.73
C GLY A 17 2.76 -5.84 -1.15
N ILE A 18 3.37 -4.77 -0.64
CA ILE A 18 4.70 -4.85 -0.04
C ILE A 18 4.67 -5.63 1.27
N ASN A 19 3.57 -5.51 2.01
CA ASN A 19 3.42 -6.20 3.28
C ASN A 19 2.37 -7.30 3.19
N LEU A 20 2.58 -8.26 2.29
CA LEU A 20 1.65 -9.37 2.11
C LEU A 20 2.13 -10.30 1.00
N TYR A 21 1.91 -9.89 -0.25
CA TYR A 21 2.32 -10.69 -1.40
C TYR A 21 3.80 -11.02 -1.32
N LYS A 22 4.61 -10.03 -0.97
CA LYS A 22 6.05 -10.21 -0.85
C LYS A 22 6.43 -10.77 0.52
N ALA A 23 5.49 -10.75 1.46
CA ALA A 23 5.74 -11.26 2.80
C ALA A 23 5.49 -12.75 2.89
N ILE A 24 4.38 -13.20 2.33
CA ILE A 24 4.02 -14.61 2.35
C ILE A 24 4.64 -15.37 1.18
N ARG A 25 5.44 -14.68 0.42
CA ARG A 25 6.12 -15.27 -0.73
C ARG A 25 7.62 -15.41 -0.49
N ARG A 26 8.03 -15.07 0.72
CA ARG A 26 9.43 -15.16 1.10
C ARG A 26 9.56 -15.57 2.57
N LYS A 27 8.72 -16.51 2.99
CA LYS A 27 8.74 -17.00 4.36
C LYS A 27 10.10 -17.64 4.69
N LYS A 1 3.16 23.54 -4.96
CA LYS A 1 4.38 22.91 -4.37
C LYS A 1 4.00 21.76 -3.44
N ARG A 2 2.84 21.87 -2.82
CA ARG A 2 2.36 20.84 -1.90
C ARG A 2 1.07 20.21 -2.41
N PHE A 3 1.13 18.92 -2.73
CA PHE A 3 -0.04 18.20 -3.23
C PHE A 3 -0.26 16.92 -2.45
N TRP A 4 -1.48 16.74 -1.96
CA TRP A 4 -1.84 15.56 -1.18
C TRP A 4 -2.93 14.76 -1.88
N PRO A 5 -2.55 13.92 -2.87
CA PRO A 5 -3.49 13.10 -3.62
C PRO A 5 -3.78 11.76 -2.95
N LEU A 6 -2.81 10.85 -3.02
CA LEU A 6 -2.96 9.53 -2.43
C LEU A 6 -1.73 9.15 -1.63
N VAL A 7 -1.33 10.04 -0.73
CA VAL A 7 -0.16 9.81 0.10
C VAL A 7 -0.48 8.91 1.30
N PRO A 8 -1.58 9.20 2.03
CA PRO A 8 -1.98 8.41 3.19
C PRO A 8 -2.77 7.16 2.83
N VAL A 9 -3.72 7.31 1.91
CA VAL A 9 -4.55 6.19 1.48
C VAL A 9 -3.74 5.17 0.68
N ALA A 10 -2.53 5.53 0.29
CA ALA A 10 -1.67 4.63 -0.47
C ALA A 10 -1.58 3.25 0.19
N ILE A 11 -1.75 3.21 1.50
CA ILE A 11 -1.70 1.96 2.24
C ILE A 11 -3.08 1.31 2.36
N ASN A 12 -3.98 1.67 1.47
CA ASN A 12 -5.33 1.13 1.48
C ASN A 12 -5.54 0.22 0.27
N THR A 13 -4.91 0.58 -0.84
CA THR A 13 -5.01 -0.21 -2.07
C THR A 13 -3.66 -0.80 -2.47
N VAL A 14 -2.58 -0.22 -1.96
CA VAL A 14 -1.25 -0.71 -2.26
C VAL A 14 -0.75 -1.69 -1.19
N ALA A 15 -1.29 -1.53 0.01
CA ALA A 15 -0.90 -2.39 1.13
C ALA A 15 -1.50 -3.79 0.98
N ALA A 16 -2.63 -3.89 0.28
CA ALA A 16 -3.29 -5.17 0.07
C ALA A 16 -2.67 -5.95 -1.08
N GLY A 17 -2.03 -5.24 -2.00
CA GLY A 17 -1.40 -5.90 -3.13
C GLY A 17 0.10 -5.95 -3.03
N ILE A 18 0.75 -4.82 -3.32
CA ILE A 18 2.21 -4.73 -3.27
C ILE A 18 2.75 -5.13 -1.90
N ASN A 19 1.98 -4.85 -0.86
CA ASN A 19 2.38 -5.17 0.50
C ASN A 19 1.65 -6.41 1.02
N LEU A 20 1.90 -7.55 0.37
CA LEU A 20 1.28 -8.81 0.76
C LEU A 20 2.15 -9.99 0.38
N TYR A 21 2.56 -10.04 -0.88
CA TYR A 21 3.41 -11.12 -1.37
C TYR A 21 4.66 -11.25 -0.53
N LYS A 22 5.46 -10.19 -0.50
CA LYS A 22 6.69 -10.18 0.28
C LYS A 22 6.41 -10.40 1.77
N ALA A 23 5.21 -10.02 2.20
CA ALA A 23 4.82 -10.17 3.59
C ALA A 23 4.70 -11.64 3.98
N ILE A 24 3.95 -12.39 3.17
CA ILE A 24 3.76 -13.81 3.43
C ILE A 24 4.86 -14.66 2.82
N ARG A 25 5.84 -14.00 2.23
CA ARG A 25 6.96 -14.66 1.61
C ARG A 25 8.18 -14.68 2.52
N ARG A 26 8.01 -14.16 3.71
CA ARG A 26 9.08 -14.11 4.69
C ARG A 26 8.92 -15.21 5.74
N LYS A 27 8.36 -16.34 5.32
CA LYS A 27 8.15 -17.46 6.22
C LYS A 27 9.48 -17.96 6.80
N LYS A 1 -12.70 21.82 1.61
CA LYS A 1 -13.15 20.81 0.61
C LYS A 1 -11.96 20.18 -0.10
N ARG A 2 -11.71 18.91 0.19
CA ARG A 2 -10.60 18.18 -0.43
C ARG A 2 -11.02 17.57 -1.76
N PHE A 3 -10.04 17.13 -2.54
CA PHE A 3 -10.32 16.52 -3.83
C PHE A 3 -9.53 15.22 -4.02
N TRP A 4 -8.21 15.33 -3.92
CA TRP A 4 -7.31 14.17 -4.07
C TRP A 4 -7.85 12.96 -3.33
N PRO A 5 -8.52 12.03 -4.05
CA PRO A 5 -9.09 10.83 -3.47
C PRO A 5 -8.14 9.63 -3.53
N LEU A 6 -6.85 9.88 -3.31
CA LEU A 6 -5.85 8.81 -3.34
C LEU A 6 -4.71 9.09 -2.39
N VAL A 7 -4.99 9.82 -1.31
CA VAL A 7 -3.98 10.16 -0.32
C VAL A 7 -3.90 9.10 0.78
N PRO A 8 -5.05 8.75 1.38
CA PRO A 8 -5.12 7.74 2.43
C PRO A 8 -5.36 6.33 1.90
N VAL A 9 -5.17 6.16 0.60
CA VAL A 9 -5.39 4.86 -0.03
C VAL A 9 -4.06 4.24 -0.48
N ALA A 10 -3.05 5.08 -0.70
CA ALA A 10 -1.74 4.60 -1.13
C ALA A 10 -1.27 3.42 -0.29
N ILE A 11 -1.48 3.52 1.02
CA ILE A 11 -1.07 2.47 1.93
C ILE A 11 -2.16 1.41 2.09
N ASN A 12 -3.09 1.37 1.14
CA ASN A 12 -4.17 0.40 1.17
C ASN A 12 -4.03 -0.57 0.01
N THR A 13 -3.49 -0.09 -1.10
CA THR A 13 -3.29 -0.91 -2.28
C THR A 13 -1.80 -1.04 -2.62
N VAL A 14 -0.99 -0.11 -2.11
CA VAL A 14 0.44 -0.14 -2.37
C VAL A 14 1.18 -0.82 -1.21
N ALA A 15 0.61 -0.70 -0.02
CA ALA A 15 1.20 -1.29 1.17
C ALA A 15 0.97 -2.80 1.20
N ALA A 16 -0.18 -3.23 0.69
CA ALA A 16 -0.53 -4.65 0.65
C ALA A 16 0.28 -5.39 -0.40
N GLY A 17 0.80 -4.66 -1.38
CA GLY A 17 1.58 -5.28 -2.44
C GLY A 17 3.07 -5.24 -2.16
N ILE A 18 3.58 -4.05 -1.86
CA ILE A 18 4.99 -3.87 -1.59
C ILE A 18 5.38 -4.38 -0.20
N ASN A 19 4.55 -4.07 0.79
CA ASN A 19 4.80 -4.48 2.17
C ASN A 19 3.69 -5.40 2.68
N LEU A 20 3.65 -6.63 2.15
CA LEU A 20 2.65 -7.60 2.56
C LEU A 20 2.78 -8.88 1.74
N TYR A 21 3.00 -8.72 0.44
CA TYR A 21 3.14 -9.86 -0.46
C TYR A 21 4.26 -10.79 0.01
N LYS A 22 5.47 -10.27 0.08
CA LYS A 22 6.63 -11.06 0.50
C LYS A 22 6.41 -11.62 1.91
N ALA A 23 5.61 -10.92 2.70
CA ALA A 23 5.32 -11.35 4.07
C ALA A 23 4.42 -12.57 4.09
N ILE A 24 3.36 -12.54 3.29
CA ILE A 24 2.42 -13.64 3.22
C ILE A 24 2.86 -14.70 2.22
N ARG A 25 4.04 -14.49 1.65
CA ARG A 25 4.60 -15.41 0.67
C ARG A 25 5.78 -16.19 1.25
N ARG A 26 6.02 -15.98 2.52
CA ARG A 26 7.12 -16.65 3.21
C ARG A 26 6.76 -16.88 4.68
N LYS A 27 5.50 -17.20 4.94
CA LYS A 27 5.03 -17.45 6.29
C LYS A 27 5.77 -18.64 6.91
N LYS A 1 -12.55 15.08 2.00
CA LYS A 1 -11.69 16.19 1.50
C LYS A 1 -11.48 16.08 0.01
N ARG A 2 -10.80 15.02 -0.42
CA ARG A 2 -10.52 14.81 -1.85
C ARG A 2 -9.75 15.99 -2.43
N PHE A 3 -8.44 15.83 -2.56
CA PHE A 3 -7.59 16.88 -3.11
C PHE A 3 -6.61 16.31 -4.13
N TRP A 4 -5.90 15.26 -3.74
CA TRP A 4 -4.93 14.63 -4.63
C TRP A 4 -5.49 13.31 -5.17
N PRO A 5 -4.79 12.70 -6.15
CA PRO A 5 -5.19 11.43 -6.76
C PRO A 5 -5.67 10.41 -5.72
N LEU A 6 -4.72 9.82 -5.00
CA LEU A 6 -5.05 8.84 -3.97
C LEU A 6 -3.84 8.58 -3.06
N VAL A 7 -3.12 9.65 -2.74
CA VAL A 7 -1.94 9.56 -1.89
C VAL A 7 -2.30 9.02 -0.50
N PRO A 8 -3.28 9.63 0.19
CA PRO A 8 -3.68 9.19 1.53
C PRO A 8 -4.12 7.73 1.57
N VAL A 9 -5.03 7.35 0.68
CA VAL A 9 -5.52 5.98 0.63
C VAL A 9 -4.48 5.02 0.04
N ALA A 10 -3.40 5.57 -0.51
CA ALA A 10 -2.36 4.75 -1.11
C ALA A 10 -1.79 3.76 -0.10
N ILE A 11 -1.95 4.05 1.18
CA ILE A 11 -1.45 3.17 2.23
C ILE A 11 -2.43 2.05 2.56
N ASN A 12 -3.45 1.91 1.73
CA ASN A 12 -4.45 0.85 1.92
C ASN A 12 -4.30 -0.22 0.85
N THR A 13 -3.84 0.19 -0.32
CA THR A 13 -3.65 -0.73 -1.44
C THR A 13 -2.18 -1.15 -1.53
N VAL A 14 -1.29 -0.28 -1.07
CA VAL A 14 0.14 -0.57 -1.11
C VAL A 14 0.50 -1.62 -0.06
N ALA A 15 -0.06 -1.44 1.14
CA ALA A 15 0.20 -2.35 2.25
C ALA A 15 -0.41 -3.73 1.97
N ALA A 16 -1.53 -3.74 1.25
CA ALA A 16 -2.19 -5.00 0.92
C ALA A 16 -1.47 -5.74 -0.20
N GLY A 17 -0.65 -5.01 -0.96
CA GLY A 17 0.09 -5.63 -2.05
C GLY A 17 1.56 -5.78 -1.75
N ILE A 18 2.28 -4.66 -1.76
CA ILE A 18 3.72 -4.67 -1.50
C ILE A 18 4.03 -5.20 -0.10
N ASN A 19 3.20 -4.83 0.87
CA ASN A 19 3.39 -5.26 2.24
C ASN A 19 2.50 -6.46 2.56
N LEU A 20 2.41 -7.38 1.60
CA LEU A 20 1.59 -8.58 1.78
C LEU A 20 2.18 -9.75 0.99
N TYR A 21 2.33 -9.57 -0.32
CA TYR A 21 2.87 -10.61 -1.18
C TYR A 21 4.23 -11.07 -0.66
N LYS A 22 5.15 -10.12 -0.50
CA LYS A 22 6.48 -10.44 -0.01
C LYS A 22 6.42 -11.10 1.37
N ALA A 23 5.35 -10.80 2.12
CA ALA A 23 5.18 -11.36 3.45
C ALA A 23 4.88 -12.86 3.37
N ILE A 24 3.92 -13.21 2.53
CA ILE A 24 3.53 -14.60 2.36
C ILE A 24 4.37 -15.31 1.32
N ARG A 25 5.35 -14.59 0.81
CA ARG A 25 6.26 -15.11 -0.19
C ARG A 25 7.60 -15.50 0.41
N ARG A 26 7.68 -15.41 1.72
CA ARG A 26 8.89 -15.74 2.45
C ARG A 26 8.57 -16.07 3.91
N LYS A 27 7.51 -16.83 4.12
CA LYS A 27 7.10 -17.22 5.47
C LYS A 27 7.99 -18.33 6.01
N LYS A 1 -13.03 16.75 3.91
CA LYS A 1 -12.10 17.54 4.75
C LYS A 1 -10.67 17.45 4.21
N ARG A 2 -9.99 18.60 4.17
CA ARG A 2 -8.62 18.66 3.69
C ARG A 2 -7.64 18.14 4.73
N PHE A 3 -6.73 17.28 4.30
CA PHE A 3 -5.73 16.71 5.21
C PHE A 3 -4.57 16.09 4.42
N TRP A 4 -4.79 14.90 3.90
CA TRP A 4 -3.76 14.20 3.12
C TRP A 4 -4.19 14.08 1.65
N PRO A 5 -3.25 14.33 0.72
CA PRO A 5 -3.54 14.25 -0.72
C PRO A 5 -3.94 12.84 -1.15
N LEU A 6 -2.94 12.02 -1.48
CA LEU A 6 -3.18 10.65 -1.91
C LEU A 6 -2.40 9.67 -1.05
N VAL A 7 -2.40 9.91 0.26
CA VAL A 7 -1.68 9.04 1.20
C VAL A 7 -2.54 7.86 1.63
N PRO A 8 -3.81 8.10 2.02
CA PRO A 8 -4.71 7.02 2.44
C PRO A 8 -4.92 5.98 1.35
N VAL A 9 -4.83 6.43 0.11
CA VAL A 9 -5.02 5.55 -1.04
C VAL A 9 -3.79 4.67 -1.25
N ALA A 10 -2.61 5.22 -0.99
CA ALA A 10 -1.37 4.48 -1.15
C ALA A 10 -1.35 3.23 -0.29
N ILE A 11 -1.87 3.35 0.94
CA ILE A 11 -1.90 2.22 1.86
C ILE A 11 -3.16 1.37 1.67
N ASN A 12 -3.76 1.46 0.48
CA ASN A 12 -4.96 0.71 0.17
C ASN A 12 -4.68 -0.30 -0.94
N THR A 13 -3.78 0.08 -1.86
CA THR A 13 -3.41 -0.78 -2.98
C THR A 13 -1.93 -1.16 -2.91
N VAL A 14 -1.16 -0.42 -2.11
CA VAL A 14 0.26 -0.69 -1.98
C VAL A 14 0.57 -1.39 -0.66
N ALA A 15 -0.22 -1.07 0.36
CA ALA A 15 -0.06 -1.67 1.68
C ALA A 15 -0.47 -3.13 1.67
N ALA A 16 -1.49 -3.45 0.88
CA ALA A 16 -1.99 -4.82 0.78
C ALA A 16 -1.16 -5.64 -0.19
N GLY A 17 -0.50 -4.96 -1.13
CA GLY A 17 0.33 -5.65 -2.11
C GLY A 17 1.80 -5.61 -1.75
N ILE A 18 2.39 -4.42 -1.80
CA ILE A 18 3.81 -4.25 -1.48
C ILE A 18 4.08 -4.61 -0.02
N ASN A 19 3.18 -4.21 0.86
CA ASN A 19 3.33 -4.48 2.28
C ASN A 19 2.45 -5.65 2.72
N LEU A 20 2.65 -6.79 2.08
CA LEU A 20 1.88 -7.99 2.39
C LEU A 20 2.39 -9.19 1.60
N TYR A 21 2.48 -9.03 0.28
CA TYR A 21 2.96 -10.10 -0.59
C TYR A 21 4.35 -10.55 -0.17
N LYS A 22 5.27 -9.61 -0.09
CA LYS A 22 6.64 -9.91 0.30
C LYS A 22 6.71 -10.37 1.76
N ALA A 23 5.78 -9.89 2.57
CA ALA A 23 5.73 -10.26 3.98
C ALA A 23 5.40 -11.74 4.15
N ILE A 24 4.37 -12.18 3.43
CA ILE A 24 3.94 -13.58 3.51
C ILE A 24 4.70 -14.44 2.51
N ARG A 25 5.65 -13.84 1.84
CA ARG A 25 6.46 -14.52 0.85
C ARG A 25 7.94 -14.47 1.20
N ARG A 26 8.22 -13.91 2.36
CA ARG A 26 9.58 -13.78 2.85
C ARG A 26 9.63 -13.94 4.37
N LYS A 27 8.89 -14.92 4.88
CA LYS A 27 8.85 -15.18 6.31
C LYS A 27 9.91 -16.20 6.70
N LYS A 1 -12.37 8.69 4.68
CA LYS A 1 -12.22 10.11 4.24
C LYS A 1 -11.08 10.26 3.23
N ARG A 2 -11.37 10.90 2.11
CA ARG A 2 -10.38 11.11 1.07
C ARG A 2 -10.35 12.58 0.62
N PHE A 3 -9.16 13.17 0.64
CA PHE A 3 -9.01 14.56 0.25
C PHE A 3 -7.85 14.73 -0.74
N TRP A 4 -6.69 14.18 -0.38
CA TRP A 4 -5.51 14.27 -1.23
C TRP A 4 -5.57 13.24 -2.36
N PRO A 5 -4.64 13.34 -3.34
CA PRO A 5 -4.57 12.41 -4.48
C PRO A 5 -4.80 10.97 -4.05
N LEU A 6 -3.81 10.40 -3.39
CA LEU A 6 -3.89 9.01 -2.92
C LEU A 6 -2.82 8.72 -1.88
N VAL A 7 -2.51 9.72 -1.07
CA VAL A 7 -1.51 9.57 -0.02
C VAL A 7 -2.04 8.71 1.14
N PRO A 8 -3.25 9.01 1.64
CA PRO A 8 -3.85 8.25 2.75
C PRO A 8 -4.43 6.92 2.31
N VAL A 9 -4.77 6.82 1.03
CA VAL A 9 -5.34 5.59 0.48
C VAL A 9 -4.27 4.70 -0.14
N ALA A 10 -3.08 5.24 -0.36
CA ALA A 10 -2.00 4.48 -0.95
C ALA A 10 -1.69 3.22 -0.14
N ILE A 11 -1.90 3.31 1.18
CA ILE A 11 -1.65 2.17 2.05
C ILE A 11 -2.86 1.26 2.16
N ASN A 12 -3.84 1.46 1.29
CA ASN A 12 -5.05 0.64 1.28
C ASN A 12 -5.02 -0.32 0.10
N THR A 13 -4.33 0.07 -0.96
CA THR A 13 -4.22 -0.76 -2.16
C THR A 13 -2.78 -1.19 -2.39
N VAL A 14 -1.83 -0.38 -1.91
CA VAL A 14 -0.42 -0.69 -2.07
C VAL A 14 0.07 -1.59 -0.93
N ALA A 15 -0.59 -1.49 0.22
CA ALA A 15 -0.23 -2.29 1.38
C ALA A 15 -0.49 -3.77 1.12
N ALA A 16 -1.53 -4.06 0.35
CA ALA A 16 -1.89 -5.44 0.03
C ALA A 16 -0.85 -6.08 -0.87
N GLY A 17 -0.22 -5.28 -1.71
CA GLY A 17 0.79 -5.79 -2.62
C GLY A 17 2.18 -5.78 -2.01
N ILE A 18 2.72 -4.58 -1.77
CA ILE A 18 4.04 -4.45 -1.20
C ILE A 18 4.09 -4.97 0.23
N ASN A 19 3.20 -4.45 1.08
CA ASN A 19 3.14 -4.86 2.47
C ASN A 19 2.29 -6.12 2.64
N LEU A 20 2.67 -7.18 1.94
CA LEU A 20 1.95 -8.45 2.01
C LEU A 20 2.66 -9.52 1.18
N TYR A 21 2.70 -9.32 -0.13
CA TYR A 21 3.35 -10.28 -1.01
C TYR A 21 4.73 -10.65 -0.49
N LYS A 22 5.63 -9.66 -0.44
CA LYS A 22 6.98 -9.88 0.04
C LYS A 22 6.98 -10.33 1.50
N ALA A 23 5.86 -10.10 2.19
CA ALA A 23 5.74 -10.48 3.59
C ALA A 23 5.53 -11.98 3.74
N ILE A 24 4.53 -12.50 3.03
CA ILE A 24 4.22 -13.92 3.08
C ILE A 24 5.04 -14.73 2.08
N ARG A 25 5.94 -14.06 1.40
CA ARG A 25 6.80 -14.69 0.42
C ARG A 25 8.23 -14.84 0.94
N ARG A 26 8.41 -14.48 2.19
CA ARG A 26 9.71 -14.57 2.83
C ARG A 26 9.59 -15.11 4.24
N LYS A 27 8.81 -16.19 4.39
CA LYS A 27 8.61 -16.81 5.69
C LYS A 27 9.70 -17.84 5.97
N LYS A 1 6.65 16.90 -4.14
CA LYS A 1 5.68 17.91 -4.64
C LYS A 1 4.53 18.10 -3.64
N ARG A 2 3.55 18.92 -4.03
CA ARG A 2 2.40 19.18 -3.17
C ARG A 2 1.16 18.47 -3.70
N PHE A 3 0.01 18.82 -3.15
CA PHE A 3 -1.25 18.21 -3.57
C PHE A 3 -1.26 16.71 -3.28
N TRP A 4 -1.40 16.37 -2.00
CA TRP A 4 -1.41 14.97 -1.57
C TRP A 4 -2.40 14.15 -2.40
N PRO A 5 -1.89 13.36 -3.37
CA PRO A 5 -2.72 12.52 -4.24
C PRO A 5 -3.33 11.34 -3.49
N LEU A 6 -2.47 10.43 -3.05
CA LEU A 6 -2.90 9.23 -2.32
C LEU A 6 -1.91 8.89 -1.22
N VAL A 7 -1.30 9.91 -0.64
CA VAL A 7 -0.33 9.72 0.43
C VAL A 7 -0.93 9.00 1.63
N PRO A 8 -2.11 9.44 2.11
CA PRO A 8 -2.78 8.82 3.26
C PRO A 8 -3.44 7.50 2.90
N VAL A 9 -4.15 7.48 1.77
CA VAL A 9 -4.84 6.28 1.32
C VAL A 9 -3.88 5.31 0.63
N ALA A 10 -2.62 5.71 0.49
CA ALA A 10 -1.62 4.87 -0.16
C ALA A 10 -1.56 3.49 0.47
N ILE A 11 -1.92 3.40 1.74
CA ILE A 11 -1.90 2.14 2.46
C ILE A 11 -3.20 1.36 2.27
N ASN A 12 -4.00 1.75 1.29
CA ASN A 12 -5.25 1.09 0.99
C ASN A 12 -5.14 0.30 -0.31
N THR A 13 -4.37 0.85 -1.24
CA THR A 13 -4.16 0.22 -2.53
C THR A 13 -2.76 -0.38 -2.62
N VAL A 14 -1.82 0.18 -1.86
CA VAL A 14 -0.46 -0.30 -1.85
C VAL A 14 -0.26 -1.36 -0.77
N ALA A 15 -1.17 -1.38 0.20
CA ALA A 15 -1.09 -2.33 1.30
C ALA A 15 -1.94 -3.57 1.01
N ALA A 16 -2.61 -3.58 -0.14
CA ALA A 16 -3.45 -4.72 -0.52
C ALA A 16 -2.63 -5.86 -1.08
N GLY A 17 -1.96 -5.60 -2.19
CA GLY A 17 -1.14 -6.63 -2.82
C GLY A 17 0.33 -6.51 -2.47
N ILE A 18 0.92 -5.38 -2.84
CA ILE A 18 2.33 -5.13 -2.57
C ILE A 18 2.72 -5.49 -1.14
N ASN A 19 1.82 -5.20 -0.21
CA ASN A 19 2.06 -5.49 1.20
C ASN A 19 1.44 -6.83 1.60
N LEU A 20 1.36 -7.75 0.65
CA LEU A 20 0.80 -9.07 0.90
C LEU A 20 1.80 -10.17 0.53
N TYR A 21 2.13 -10.24 -0.74
CA TYR A 21 3.09 -11.23 -1.22
C TYR A 21 4.42 -11.08 -0.50
N LYS A 22 4.92 -9.86 -0.44
CA LYS A 22 6.18 -9.57 0.22
C LYS A 22 6.06 -9.79 1.74
N ALA A 23 4.84 -9.63 2.25
CA ALA A 23 4.60 -9.82 3.68
C ALA A 23 4.91 -11.24 4.11
N ILE A 24 4.35 -12.20 3.39
CA ILE A 24 4.57 -13.60 3.69
C ILE A 24 5.80 -14.14 2.99
N ARG A 25 6.51 -13.26 2.31
CA ARG A 25 7.72 -13.62 1.59
C ARG A 25 8.94 -12.93 2.16
N ARG A 26 8.73 -12.22 3.25
CA ARG A 26 9.80 -11.50 3.93
C ARG A 26 9.56 -11.46 5.43
N LYS A 27 9.03 -12.56 5.96
CA LYS A 27 8.76 -12.66 7.40
C LYS A 27 10.04 -12.47 8.21
N LYS A 1 -7.79 15.77 -12.89
CA LYS A 1 -6.71 16.63 -13.45
C LYS A 1 -5.58 16.82 -12.45
N ARG A 2 -5.27 15.77 -11.70
CA ARG A 2 -4.21 15.82 -10.70
C ARG A 2 -2.95 15.13 -11.20
N PHE A 3 -1.93 15.09 -10.36
CA PHE A 3 -0.65 14.46 -10.73
C PHE A 3 -0.56 13.06 -10.11
N TRP A 4 -1.10 12.92 -8.91
CA TRP A 4 -1.07 11.63 -8.21
C TRP A 4 -2.20 11.54 -7.18
N PRO A 5 -3.46 11.46 -7.66
CA PRO A 5 -4.63 11.37 -6.78
C PRO A 5 -4.75 9.99 -6.13
N LEU A 6 -3.77 9.64 -5.31
CA LEU A 6 -3.76 8.35 -4.62
C LEU A 6 -2.92 8.40 -3.36
N VAL A 7 -2.96 9.54 -2.68
CA VAL A 7 -2.18 9.71 -1.45
C VAL A 7 -2.79 8.91 -0.29
N PRO A 8 -4.12 9.00 -0.11
CA PRO A 8 -4.82 8.28 0.97
C PRO A 8 -4.87 6.78 0.71
N VAL A 9 -5.08 6.41 -0.55
CA VAL A 9 -5.15 5.00 -0.94
C VAL A 9 -3.77 4.37 -1.06
N ALA A 10 -2.72 5.18 -0.85
CA ALA A 10 -1.36 4.69 -0.95
C ALA A 10 -1.00 3.79 0.24
N ILE A 11 -1.95 3.58 1.15
CA ILE A 11 -1.70 2.74 2.31
C ILE A 11 -2.83 1.71 2.49
N ASN A 12 -3.66 1.58 1.47
CA ASN A 12 -4.77 0.62 1.51
C ASN A 12 -4.53 -0.49 0.50
N THR A 13 -3.92 -0.13 -0.62
CA THR A 13 -3.63 -1.09 -1.68
C THR A 13 -2.13 -1.21 -1.91
N VAL A 14 -1.34 -0.30 -1.32
CA VAL A 14 0.10 -0.34 -1.46
C VAL A 14 0.76 -0.82 -0.18
N ALA A 15 0.02 -0.78 0.92
CA ALA A 15 0.52 -1.21 2.21
C ALA A 15 0.64 -2.73 2.26
N ALA A 16 -0.29 -3.42 1.61
CA ALA A 16 -0.28 -4.88 1.59
C ALA A 16 0.74 -5.41 0.58
N GLY A 17 0.80 -4.76 -0.57
CA GLY A 17 1.74 -5.17 -1.60
C GLY A 17 3.18 -5.14 -1.12
N ILE A 18 3.49 -4.22 -0.24
CA ILE A 18 4.84 -4.08 0.29
C ILE A 18 4.98 -4.81 1.63
N ASN A 19 3.93 -4.79 2.42
CA ASN A 19 3.95 -5.45 3.74
C ASN A 19 2.92 -6.57 3.80
N LEU A 20 3.07 -7.56 2.94
CA LEU A 20 2.15 -8.70 2.90
C LEU A 20 2.53 -9.68 1.79
N TYR A 21 2.55 -9.17 0.56
CA TYR A 21 2.90 -10.00 -0.59
C TYR A 21 4.21 -10.74 -0.36
N LYS A 22 5.28 -9.96 -0.18
CA LYS A 22 6.60 -10.54 0.04
C LYS A 22 6.66 -11.30 1.37
N ALA A 23 5.71 -11.02 2.26
CA ALA A 23 5.65 -11.69 3.56
C ALA A 23 4.90 -13.01 3.48
N ILE A 24 4.05 -13.14 2.47
CA ILE A 24 3.26 -14.35 2.29
C ILE A 24 3.53 -15.03 0.95
N ARG A 25 4.48 -14.47 0.23
CA ARG A 25 4.85 -14.99 -1.08
C ARG A 25 6.33 -15.36 -1.13
N ARG A 26 6.99 -15.24 0.00
CA ARG A 26 8.40 -15.55 0.12
C ARG A 26 8.73 -16.07 1.51
N LYS A 27 7.81 -16.83 2.10
CA LYS A 27 8.01 -17.37 3.44
C LYS A 27 8.62 -18.78 3.35
#